data_1NT1
#
_entry.id   1NT1
#
_cell.length_a   71.1
_cell.length_b   72.1
_cell.length_c   73.2
_cell.angle_alpha   90.0
_cell.angle_beta   100.9
_cell.angle_gamma   90.0
#
_symmetry.space_group_name_H-M   'C 1 2 1'
#
loop_
_entity.id
_entity.type
_entity.pdbx_description
1 polymer thrombin
2 polymer Hirudin
3 non-polymer (6R,21AS)-17-CHLORO-6-CYCLOHEXYL-2,3,6,7,10,11,19,20-OCTAHYDRO-1H,5H-PYRROLO[1,2-K][1,4,8,11,14]BENZOXATETRAAZA-CYCLOHEPTADECINE-5,8,12,21(9H,13H,21AH)-TETRONE
4 water water
#
loop_
_entity_poly.entity_id
_entity_poly.type
_entity_poly.pdbx_seq_one_letter_code
_entity_poly.pdbx_strand_id
1 'polypeptide(L)'
;DCGLRPLFEKKSLEDKTERELLESYIDGRIVEGSDAEIGMSPWQVMLFRKSPQELLCGASLISDRWVLTAAHCLLYPPWD
KNFTENDLLVRIGKHSRTRYERNIEKISMLEKIYIHPRYNWRENLDRDIALMKLKKPVAFSDYIHPVCLPDRETAASLLQ
AGYKGRVTGWGNLKETWTANVGKGQPSVLQVVNLPIVERPVCKDSTRIRITDNMFCAGYKPDEGKRGDACEGDSGGPFVM
KSPFNNRWYQMGIVSWGEGCDRDGKYGFYTHVFRLKKWIQKVIDQFG
;
A
2 'polypeptide(L)' DFEEIPEA(TYS)LA H
#
loop_
_chem_comp.id
_chem_comp.type
_chem_comp.name
_chem_comp.formula
T76 non-polymer (6R,21AS)-17-CHLORO-6-CYCLOHEXYL-2,3,6,7,10,11,19,20-OCTAHYDRO-1H,5H-PYRROLO[1,2-K][1,4,8,11,14]BENZOXATETRAAZA-CYCLOHEPTADECINE-5,8,12,21(9H,13H,21AH)-TETRONE 'C25 H33 Cl N4 O5'
#
# COMPACT_ATOMS: atom_id res chain seq x y z
N ASP A 1 -7.15 -6.54 17.03
CA ASP A 1 -6.18 -5.49 17.49
C ASP A 1 -5.57 -4.70 16.31
N CYS A 2 -6.14 -4.92 15.13
CA CYS A 2 -5.68 -4.27 13.90
C CYS A 2 -5.77 -2.78 13.95
N GLY A 3 -4.84 -2.13 13.28
CA GLY A 3 -4.89 -0.69 13.21
C GLY A 3 -4.45 0.14 14.38
N LEU A 4 -4.07 -0.49 15.50
CA LEU A 4 -3.57 0.26 16.67
C LEU A 4 -2.07 0.03 16.72
N ARG A 5 -1.31 1.07 16.44
CA ARG A 5 0.15 1.00 16.38
C ARG A 5 0.82 0.96 17.75
N PRO A 6 1.69 -0.03 17.98
CA PRO A 6 2.40 -0.17 19.27
C PRO A 6 3.14 1.06 19.73
N LEU A 7 3.71 1.82 18.80
CA LEU A 7 4.48 3.00 19.20
C LEU A 7 3.73 4.28 19.20
N PHE A 8 2.44 4.22 18.86
CA PHE A 8 1.63 5.44 18.83
C PHE A 8 0.32 5.29 19.60
N GLU A 9 -0.74 4.82 18.94
CA GLU A 9 -2.05 4.65 19.58
C GLU A 9 -1.94 3.99 20.94
N LYS A 10 -1.15 2.93 21.02
CA LYS A 10 -0.99 2.19 22.25
C LYS A 10 -0.31 2.90 23.41
N LYS A 11 0.39 3.98 23.11
CA LYS A 11 1.07 4.75 24.16
C LYS A 11 0.43 6.09 24.22
N SER A 12 -0.56 6.29 23.37
CA SER A 12 -1.26 7.56 23.32
C SER A 12 -0.38 8.69 22.77
N LEU A 13 0.48 8.34 21.82
CA LEU A 13 1.34 9.33 21.17
C LEU A 13 0.84 9.52 19.72
N GLU A 14 0.80 10.76 19.25
CA GLU A 14 0.35 11.04 17.89
C GLU A 14 1.57 11.16 16.99
N ASP A 15 1.49 10.71 15.74
CA ASP A 15 2.62 10.85 14.83
C ASP A 15 2.59 12.29 14.33
N LYS A 16 3.69 12.75 13.74
CA LYS A 16 3.74 14.14 13.32
C LYS A 16 2.76 14.75 12.36
N THR A 17 2.03 13.96 11.60
CA THR A 17 1.09 14.55 10.67
C THR A 17 -0.31 13.98 10.73
N GLU A 18 -0.60 13.07 11.66
CA GLU A 18 -1.94 12.49 11.69
C GLU A 18 -3.04 13.51 11.89
N ARG A 19 -2.69 14.61 12.53
CA ARG A 19 -3.64 15.67 12.79
C ARG A 19 -4.22 16.24 11.50
N GLU A 20 -3.40 16.28 10.44
CA GLU A 20 -3.82 16.78 9.13
C GLU A 20 -4.93 15.92 8.59
N LEU A 21 -4.83 14.63 8.85
CA LEU A 21 -5.85 13.69 8.40
C LEU A 21 -7.15 13.93 9.15
N LEU A 22 -7.06 13.97 10.47
CA LEU A 22 -8.24 14.14 11.30
C LEU A 22 -8.92 15.45 11.07
N GLU A 23 -8.16 16.49 10.77
CA GLU A 23 -8.74 17.80 10.52
C GLU A 23 -9.44 17.89 9.19
N SER A 24 -9.26 16.88 8.33
CA SER A 24 -9.91 16.91 7.02
C SER A 24 -11.26 16.24 7.03
N TYR A 25 -11.51 15.47 8.08
CA TYR A 25 -12.77 14.75 8.17
C TYR A 25 -13.85 15.67 8.70
N ILE A 26 -14.10 16.75 7.96
CA ILE A 26 -15.11 17.74 8.35
C ILE A 26 -16.52 17.19 8.39
N ILE A 30 7.52 7.74 -3.50
CA ILE A 30 6.66 8.87 -3.05
C ILE A 30 7.34 10.14 -3.47
N VAL A 31 6.55 11.07 -4.02
CA VAL A 31 7.03 12.36 -4.50
C VAL A 31 6.54 13.45 -3.56
N GLU A 32 7.44 14.31 -3.13
CA GLU A 32 7.08 15.41 -2.22
C GLU A 32 6.65 14.96 -0.84
N GLY A 33 6.98 13.73 -0.47
CA GLY A 33 6.63 13.21 0.84
C GLY A 33 7.73 13.52 1.85
N SER A 34 7.78 12.77 2.95
CA SER A 34 8.81 12.99 3.97
C SER A 34 9.12 11.66 4.60
N ASP A 35 10.21 11.60 5.36
CA ASP A 35 10.60 10.35 5.99
C ASP A 35 9.59 9.91 7.03
N ALA A 36 9.28 8.63 7.03
CA ALA A 36 8.33 8.12 7.99
C ALA A 36 9.01 8.07 9.35
N GLU A 37 8.23 8.08 10.43
CA GLU A 37 8.77 7.96 11.78
C GLU A 37 8.90 6.49 12.02
N ILE A 38 9.76 6.10 12.95
CA ILE A 38 9.91 4.67 13.23
C ILE A 38 8.57 4.15 13.77
N GLY A 39 8.12 3.02 13.23
CA GLY A 39 6.86 2.42 13.68
C GLY A 39 5.60 3.13 13.22
N MET A 40 5.74 4.12 12.34
CA MET A 40 4.62 4.89 11.80
C MET A 40 3.63 4.09 10.95
N SER A 41 4.12 3.10 10.21
CA SER A 41 3.29 2.23 9.36
C SER A 41 3.77 0.80 9.53
N PRO A 42 3.48 0.21 10.69
CA PRO A 42 3.87 -1.18 10.98
C PRO A 42 3.31 -2.27 10.09
N TRP A 43 2.40 -1.92 9.18
CA TRP A 43 1.81 -2.89 8.24
C TRP A 43 2.49 -2.85 6.88
N GLN A 44 3.33 -1.85 6.65
CA GLN A 44 4.03 -1.71 5.37
C GLN A 44 4.91 -2.92 5.11
N VAL A 45 4.72 -3.55 3.95
CA VAL A 45 5.46 -4.74 3.56
C VAL A 45 6.22 -4.47 2.28
N MET A 46 7.42 -5.03 2.12
CA MET A 46 8.23 -4.83 0.92
C MET A 46 8.27 -6.10 0.10
N LEU A 47 7.85 -6.02 -1.15
CA LEU A 47 7.91 -7.18 -2.03
C LEU A 47 9.32 -7.16 -2.58
N PHE A 48 10.05 -8.24 -2.34
CA PHE A 48 11.46 -8.32 -2.73
C PHE A 48 11.79 -9.47 -3.66
N ARG A 49 12.52 -9.16 -4.71
CA ARG A 49 12.92 -10.16 -5.68
C ARG A 49 14.28 -10.77 -5.34
N LYS A 50 14.34 -12.10 -5.41
CA LYS A 50 15.57 -12.83 -5.12
C LYS A 50 16.71 -12.54 -6.07
N SER A 51 16.50 -12.74 -7.37
CA SER A 51 17.56 -12.52 -8.33
C SER A 51 17.11 -11.93 -9.63
N PRO A 52 17.55 -10.70 -9.93
CA PRO A 52 18.43 -9.97 -9.02
C PRO A 52 17.66 -9.55 -7.78
N GLN A 53 18.40 -9.28 -6.71
CA GLN A 53 17.80 -8.85 -5.45
C GLN A 53 17.29 -7.46 -5.75
N GLU A 54 15.99 -7.24 -5.67
CA GLU A 54 15.44 -5.91 -5.95
C GLU A 54 14.05 -5.66 -5.41
N LEU A 55 13.76 -4.40 -5.12
CA LEU A 55 12.45 -3.99 -4.62
C LEU A 55 11.44 -4.07 -5.74
N LEU A 56 10.42 -4.91 -5.57
CA LEU A 56 9.36 -5.02 -6.57
C LEU A 56 8.22 -4.04 -6.38
N CYS A 57 7.63 -4.06 -5.19
CA CYS A 57 6.48 -3.23 -4.87
C CYS A 57 6.34 -3.12 -3.38
N GLY A 58 5.29 -2.44 -2.96
CA GLY A 58 4.95 -2.28 -1.56
C GLY A 58 3.83 -3.29 -1.42
N ALA A 59 3.33 -3.48 -0.20
CA ALA A 59 2.25 -4.42 0.07
C ALA A 59 1.85 -4.09 1.49
N SER A 60 0.87 -4.81 2.06
CA SER A 60 0.44 -4.54 3.43
C SER A 60 0.11 -5.80 4.17
N LEU A 61 0.33 -5.78 5.48
CA LEU A 61 0.05 -6.92 6.34
C LEU A 61 -1.36 -6.80 6.90
N ILE A 62 -2.22 -7.75 6.59
CA ILE A 62 -3.60 -7.69 7.07
C ILE A 62 -3.90 -8.69 8.19
N SER A 63 -3.00 -9.64 8.38
CA SER A 63 -3.09 -10.63 9.46
C SER A 63 -1.71 -11.21 9.58
N ASP A 64 -1.55 -12.22 10.42
CA ASP A 64 -0.23 -12.84 10.60
C ASP A 64 0.16 -13.79 9.48
N ARG A 65 -0.76 -14.05 8.57
CA ARG A 65 -0.49 -14.97 7.50
C ARG A 65 -0.77 -14.40 6.11
N TRP A 66 -1.44 -13.26 6.03
CA TRP A 66 -1.82 -12.69 4.74
C TRP A 66 -1.29 -11.32 4.39
N VAL A 67 -0.94 -11.16 3.13
CA VAL A 67 -0.40 -9.90 2.62
C VAL A 67 -1.25 -9.45 1.41
N LEU A 68 -1.59 -8.17 1.38
CA LEU A 68 -2.40 -7.60 0.30
C LEU A 68 -1.55 -6.70 -0.57
N THR A 69 -1.64 -6.90 -1.90
CA THR A 69 -0.87 -6.08 -2.84
C THR A 69 -1.65 -5.92 -4.15
N ALA A 70 -1.08 -5.20 -5.11
CA ALA A 70 -1.69 -4.95 -6.42
C ALA A 70 -1.34 -6.13 -7.31
N ALA A 71 -2.31 -6.64 -8.07
CA ALA A 71 -2.07 -7.78 -8.96
C ALA A 71 -1.03 -7.50 -10.04
N HIS A 72 -0.85 -6.23 -10.40
CA HIS A 72 0.12 -5.90 -11.43
C HIS A 72 1.56 -6.08 -11.00
N CYS A 73 1.77 -6.22 -9.69
CA CYS A 73 3.09 -6.45 -9.13
C CYS A 73 3.55 -7.86 -9.43
N LEU A 74 2.60 -8.75 -9.65
CA LEU A 74 2.88 -10.15 -9.89
C LEU A 74 2.67 -10.61 -11.33
N LEU A 75 1.65 -10.05 -11.98
CA LEU A 75 1.30 -10.43 -13.34
C LEU A 75 1.01 -9.22 -14.20
N TYR A 76 1.81 -9.05 -15.24
CA TYR A 76 1.63 -7.93 -16.15
C TYR A 76 2.25 -8.28 -17.49
N PRO A 77 1.50 -9.03 -18.33
CA PRO A 77 1.96 -9.47 -19.65
C PRO A 77 2.64 -8.42 -20.53
N PRO A 78 2.12 -7.19 -20.60
CA PRO A 78 2.81 -6.21 -21.45
C PRO A 78 4.30 -6.06 -21.18
N TRP A 79 4.71 -6.32 -19.93
CA TRP A 79 6.12 -6.23 -19.56
C TRP A 79 6.68 -7.59 -19.24
N ASP A 80 6.03 -8.62 -19.78
CA ASP A 80 6.42 -10.01 -19.57
C ASP A 80 6.63 -10.37 -18.11
N LYS A 81 5.94 -9.65 -17.23
CA LYS A 81 6.04 -9.91 -15.81
C LYS A 81 5.02 -10.97 -15.39
N ASN A 82 5.48 -12.03 -14.74
CA ASN A 82 4.61 -13.08 -14.25
C ASN A 82 5.33 -13.88 -13.19
N PHE A 83 5.44 -13.30 -12.00
CA PHE A 83 6.12 -13.94 -10.88
C PHE A 83 5.34 -15.06 -10.23
N THR A 84 6.05 -15.99 -9.59
CA THR A 84 5.41 -17.11 -8.89
C THR A 84 5.94 -17.08 -7.47
N GLU A 85 5.31 -17.86 -6.59
CA GLU A 85 5.72 -17.93 -5.18
C GLU A 85 7.21 -17.97 -4.96
N ASN A 86 7.89 -18.89 -5.62
CA ASN A 86 9.33 -19.02 -5.44
C ASN A 86 10.25 -17.94 -5.96
N ASP A 87 9.69 -16.94 -6.62
CA ASP A 87 10.51 -15.86 -7.16
C ASP A 87 10.62 -14.70 -6.19
N LEU A 88 9.80 -14.70 -5.14
CA LEU A 88 9.76 -13.57 -4.23
C LEU A 88 9.97 -13.81 -2.76
N LEU A 89 10.22 -12.70 -2.09
CA LEU A 89 10.40 -12.65 -0.66
C LEU A 89 9.61 -11.46 -0.13
N VAL A 90 8.96 -11.64 1.01
CA VAL A 90 8.20 -10.60 1.65
C VAL A 90 8.99 -10.14 2.87
N ARG A 91 9.32 -8.86 2.94
CA ARG A 91 10.07 -8.31 4.07
C ARG A 91 9.19 -7.38 4.90
N ILE A 92 8.95 -7.74 6.15
CA ILE A 92 8.09 -6.97 7.05
C ILE A 92 8.84 -6.34 8.22
N GLY A 93 8.46 -5.11 8.57
CA GLY A 93 9.09 -4.43 9.68
C GLY A 93 10.17 -3.46 9.28
N LYS A 94 10.30 -3.20 7.98
CA LYS A 94 11.33 -2.31 7.49
C LYS A 94 11.14 -0.81 7.57
N HIS A 95 12.25 -0.10 7.52
CA HIS A 95 12.28 1.35 7.54
C HIS A 95 13.24 1.78 6.43
N SER A 96 14.46 1.27 6.52
CA SER A 96 15.49 1.58 5.52
C SER A 96 15.18 0.74 4.29
N ARG A 97 15.31 1.35 3.12
CA ARG A 97 15.03 0.65 1.86
C ARG A 97 15.99 -0.48 1.53
N THR A 98 17.30 -0.20 1.61
CA THR A 98 18.33 -1.16 1.26
C THR A 98 19.01 -1.96 2.35
N ARG A 99 18.89 -1.57 3.61
CA ARG A 99 19.58 -2.31 4.65
C ARG A 99 18.87 -3.48 5.26
N TYR A 100 19.61 -4.56 5.49
CA TYR A 100 19.00 -5.72 6.13
C TYR A 100 18.92 -5.39 7.59
N GLU A 101 17.75 -4.95 8.04
CA GLU A 101 17.54 -4.53 9.43
C GLU A 101 17.49 -5.66 10.44
N ARG A 102 18.67 -6.23 10.70
CA ARG A 102 18.88 -7.33 11.64
C ARG A 102 18.21 -7.10 12.98
N ASN A 103 17.47 -8.10 13.44
CA ASN A 103 16.74 -8.03 14.72
C ASN A 103 15.45 -7.23 14.62
N ILE A 104 15.24 -6.52 13.52
CA ILE A 104 14.05 -5.70 13.34
C ILE A 104 13.10 -6.26 12.28
N GLU A 105 13.59 -6.41 11.05
CA GLU A 105 12.73 -6.94 10.00
C GLU A 105 12.64 -8.45 10.01
N LYS A 106 11.60 -8.96 9.35
CA LYS A 106 11.37 -10.39 9.19
C LYS A 106 11.20 -10.62 7.70
N ILE A 107 11.77 -11.70 7.21
CA ILE A 107 11.69 -12.05 5.80
C ILE A 107 10.87 -13.32 5.73
N SER A 108 9.91 -13.38 4.82
CA SER A 108 9.06 -14.55 4.72
C SER A 108 8.92 -15.05 3.30
N MET A 109 8.58 -16.32 3.19
CA MET A 109 8.38 -17.00 1.92
C MET A 109 6.91 -17.15 1.68
N LEU A 110 6.53 -17.25 0.41
CA LEU A 110 5.14 -17.37 0.03
C LEU A 110 4.76 -18.80 -0.19
N GLU A 111 3.52 -19.09 0.14
CA GLU A 111 2.96 -20.42 -0.02
C GLU A 111 2.03 -20.43 -1.22
N LYS A 112 1.34 -19.33 -1.46
CA LYS A 112 0.41 -19.25 -2.57
C LYS A 112 0.00 -17.83 -2.87
N ILE A 113 -0.04 -17.49 -4.15
CA ILE A 113 -0.46 -16.17 -4.61
C ILE A 113 -1.86 -16.32 -5.13
N TYR A 114 -2.72 -15.33 -4.89
CA TYR A 114 -4.09 -15.38 -5.42
C TYR A 114 -4.35 -14.08 -6.12
N ILE A 115 -4.61 -14.17 -7.42
CA ILE A 115 -4.88 -12.98 -8.20
C ILE A 115 -6.36 -12.91 -8.51
N HIS A 116 -6.98 -11.75 -8.35
CA HIS A 116 -8.40 -11.67 -8.64
C HIS A 116 -8.65 -12.27 -10.03
N PRO A 117 -9.60 -13.22 -10.13
CA PRO A 117 -9.89 -13.84 -11.42
C PRO A 117 -10.28 -12.86 -12.53
N ARG A 118 -10.83 -11.71 -12.18
CA ARG A 118 -11.21 -10.71 -13.17
C ARG A 118 -10.33 -9.47 -13.28
N TYR A 119 -9.07 -9.58 -12.86
CA TYR A 119 -8.10 -8.49 -12.95
C TYR A 119 -7.99 -8.10 -14.43
N ASN A 120 -8.12 -6.82 -14.77
CA ASN A 120 -8.06 -6.40 -16.17
C ASN A 120 -6.75 -5.69 -16.56
N TRP A 121 -5.72 -6.47 -16.88
CA TRP A 121 -4.42 -5.92 -17.26
C TRP A 121 -4.37 -5.41 -18.68
N ARG A 122 -5.37 -5.78 -19.47
CA ARG A 122 -5.44 -5.39 -20.87
C ARG A 122 -5.84 -3.96 -21.08
N GLU A 123 -6.66 -3.43 -20.19
CA GLU A 123 -7.15 -2.10 -20.37
C GLU A 123 -6.84 -1.01 -19.34
N ASN A 124 -7.31 -1.20 -18.11
CA ASN A 124 -7.16 -0.15 -17.11
C ASN A 124 -6.77 -0.60 -15.71
N LEU A 125 -6.28 -1.82 -15.57
CA LEU A 125 -5.90 -2.34 -14.26
C LEU A 125 -7.09 -2.36 -13.31
N ASP A 126 -8.24 -2.74 -13.84
CA ASP A 126 -9.49 -2.85 -13.09
C ASP A 126 -9.34 -4.08 -12.21
N ARG A 127 -9.69 -3.95 -10.93
CA ARG A 127 -9.57 -5.05 -9.96
C ARG A 127 -8.11 -5.45 -9.78
N ASP A 128 -7.24 -4.45 -9.67
CA ASP A 128 -5.80 -4.64 -9.49
C ASP A 128 -5.58 -5.06 -8.02
N ILE A 129 -5.78 -6.33 -7.71
CA ILE A 129 -5.62 -6.76 -6.33
C ILE A 129 -5.19 -8.22 -6.26
N ALA A 130 -4.37 -8.55 -5.26
CA ALA A 130 -3.88 -9.92 -5.08
C ALA A 130 -3.57 -10.15 -3.63
N LEU A 131 -3.76 -11.40 -3.19
CA LEU A 131 -3.49 -11.83 -1.80
C LEU A 131 -2.34 -12.82 -1.80
N MET A 132 -1.50 -12.74 -0.76
CA MET A 132 -0.36 -13.64 -0.63
C MET A 132 -0.34 -14.34 0.72
N LYS A 133 -0.46 -15.66 0.68
CA LYS A 133 -0.46 -16.54 1.85
C LYS A 133 1.00 -16.81 2.20
N LEU A 134 1.43 -16.43 3.38
CA LEU A 134 2.81 -16.68 3.79
C LEU A 134 2.93 -18.12 4.27
N LYS A 135 4.11 -18.70 4.24
CA LYS A 135 4.30 -20.08 4.69
C LYS A 135 4.01 -20.26 6.18
N LYS A 136 4.55 -19.36 6.99
CA LYS A 136 4.36 -19.42 8.42
C LYS A 136 4.11 -18.04 8.95
N PRO A 137 3.19 -17.94 9.93
CA PRO A 137 2.79 -16.69 10.58
C PRO A 137 3.96 -15.84 11.02
N VAL A 138 3.80 -14.54 10.88
CA VAL A 138 4.82 -13.58 11.28
C VAL A 138 4.40 -13.25 12.68
N ALA A 139 5.35 -12.92 13.54
CA ALA A 139 5.02 -12.57 14.90
C ALA A 139 5.01 -11.07 14.96
N PHE A 140 4.04 -10.49 15.64
CA PHE A 140 3.94 -9.04 15.74
C PHE A 140 4.97 -8.50 16.69
N SER A 141 5.27 -7.21 16.56
CA SER A 141 6.26 -6.55 17.40
C SER A 141 5.93 -5.08 17.33
N ASP A 142 6.81 -4.23 17.83
CA ASP A 142 6.58 -2.81 17.79
C ASP A 142 6.62 -2.25 16.38
N TYR A 143 7.22 -3.02 15.47
CA TYR A 143 7.39 -2.57 14.09
C TYR A 143 6.55 -3.38 13.10
N ILE A 144 5.85 -4.39 13.60
CA ILE A 144 5.05 -5.28 12.77
C ILE A 144 3.68 -5.46 13.39
N HIS A 145 2.65 -5.01 12.67
CA HIS A 145 1.28 -5.07 13.16
C HIS A 145 0.38 -4.85 11.96
N PRO A 146 -0.69 -5.64 11.82
CA PRO A 146 -1.61 -5.51 10.69
C PRO A 146 -2.55 -4.29 10.69
N VAL A 147 -2.97 -3.90 9.50
CA VAL A 147 -3.86 -2.77 9.35
C VAL A 147 -5.27 -3.36 9.29
N CYS A 148 -6.31 -2.56 9.57
CA CYS A 148 -7.68 -3.08 9.49
C CYS A 148 -8.26 -2.98 8.07
N LEU A 149 -9.17 -3.88 7.72
CA LEU A 149 -9.85 -3.78 6.42
C LEU A 149 -11.16 -3.11 6.77
N PRO A 150 -11.63 -2.19 5.91
CA PRO A 150 -12.88 -1.50 6.23
C PRO A 150 -14.16 -2.33 6.07
N ASP A 151 -15.13 -1.99 6.90
CA ASP A 151 -16.45 -2.59 6.88
C ASP A 151 -17.28 -1.56 6.14
N ARG A 152 -18.47 -1.95 5.69
CA ARG A 152 -19.34 -1.05 4.94
C ARG A 152 -19.52 0.32 5.53
N GLU A 153 -19.73 0.37 6.84
CA GLU A 153 -19.96 1.64 7.50
C GLU A 153 -18.76 2.53 7.47
N THR A 154 -17.59 2.00 7.82
CA THR A 154 -16.38 2.82 7.82
C THR A 154 -16.11 3.37 6.43
N ALA A 155 -16.28 2.51 5.42
CA ALA A 155 -16.06 2.92 4.04
C ALA A 155 -16.99 4.06 3.68
N ALA A 156 -18.27 3.92 4.06
CA ALA A 156 -19.27 4.94 3.78
C ALA A 156 -18.93 6.30 4.31
N SER A 157 -18.55 6.36 5.58
CA SER A 157 -18.24 7.66 6.18
C SER A 157 -16.90 8.28 5.92
N LEU A 158 -15.92 7.48 5.49
CA LEU A 158 -14.60 8.03 5.27
C LEU A 158 -14.20 8.30 3.85
N LEU A 159 -14.66 7.45 2.95
CA LEU A 159 -14.31 7.61 1.55
C LEU A 159 -15.09 8.73 0.90
N GLN A 160 -14.80 9.96 1.30
CA GLN A 160 -15.47 11.14 0.78
C GLN A 160 -14.47 12.13 0.20
N ALA A 161 -14.84 12.79 -0.89
CA ALA A 161 -13.96 13.76 -1.54
C ALA A 161 -13.52 14.80 -0.55
N GLY A 162 -12.24 15.11 -0.55
CA GLY A 162 -11.74 16.11 0.37
C GLY A 162 -11.07 15.49 1.57
N TYR A 163 -11.55 14.31 1.98
CA TYR A 163 -10.94 13.60 3.12
C TYR A 163 -9.56 13.12 2.70
N LYS A 164 -8.60 13.26 3.62
CA LYS A 164 -7.23 12.85 3.34
C LYS A 164 -6.90 11.48 3.81
N GLY A 165 -6.08 10.81 2.99
CA GLY A 165 -5.59 9.48 3.27
C GLY A 165 -4.07 9.63 3.29
N ARG A 166 -3.37 8.53 3.56
CA ARG A 166 -1.92 8.55 3.66
C ARG A 166 -1.35 7.41 2.85
N VAL A 167 -0.31 7.70 2.06
CA VAL A 167 0.34 6.69 1.24
C VAL A 167 1.80 6.58 1.67
N THR A 168 2.35 5.36 1.66
CA THR A 168 3.74 5.17 2.05
C THR A 168 4.43 4.24 1.09
N GLY A 169 5.75 4.40 0.95
CA GLY A 169 6.48 3.52 0.06
C GLY A 169 7.94 3.93 -0.11
N TRP A 170 8.73 3.04 -0.71
CA TRP A 170 10.16 3.28 -0.97
C TRP A 170 10.40 3.57 -2.44
N GLY A 171 9.33 3.79 -3.19
CA GLY A 171 9.45 4.06 -4.62
C GLY A 171 10.11 5.39 -4.94
N ASN A 172 10.24 5.64 -6.24
CA ASN A 172 10.85 6.86 -6.76
C ASN A 172 10.37 8.15 -6.11
N LEU A 173 11.32 9.06 -5.93
CA LEU A 173 11.06 10.37 -5.33
C LEU A 173 10.69 11.37 -6.41
N LYS A 174 10.97 11.01 -7.65
CA LYS A 174 10.70 11.88 -8.79
C LYS A 174 10.38 11.00 -9.96
N GLU A 175 9.69 11.55 -10.94
CA GLU A 175 9.31 10.81 -12.13
C GLU A 175 10.50 10.46 -12.99
N GLY A 184 16.64 9.27 -7.89
CA GLY A 184 17.09 8.56 -6.69
C GLY A 184 15.93 8.02 -5.89
N GLN A 185 16.15 6.88 -5.27
CA GLN A 185 15.14 6.24 -4.44
C GLN A 185 15.45 6.78 -3.07
N PRO A 186 14.47 6.77 -2.15
CA PRO A 186 14.73 7.29 -0.81
C PRO A 186 15.62 6.39 0.03
N SER A 187 16.12 6.95 1.13
CA SER A 187 16.97 6.19 2.02
C SER A 187 16.04 5.36 2.91
N VAL A 188 14.99 6.00 3.41
CA VAL A 188 14.04 5.33 4.28
C VAL A 188 12.61 5.52 3.75
N LEU A 189 11.67 4.79 4.36
CA LEU A 189 10.25 4.85 4.01
C LEU A 189 9.74 6.28 3.97
N GLN A 190 9.09 6.64 2.88
CA GLN A 190 8.51 7.98 2.70
C GLN A 190 7.01 7.91 3.01
N VAL A 191 6.44 9.06 3.31
CA VAL A 191 5.04 9.15 3.63
C VAL A 191 4.47 10.45 3.07
N VAL A 192 3.23 10.37 2.57
CA VAL A 192 2.54 11.55 2.04
C VAL A 192 1.04 11.42 2.29
N ASN A 193 0.41 12.52 2.70
CA ASN A 193 -1.02 12.59 2.98
C ASN A 193 -1.65 13.27 1.80
N LEU A 194 -2.67 12.64 1.21
CA LEU A 194 -3.31 13.20 0.02
C LEU A 194 -4.81 13.23 0.11
N PRO A 195 -5.44 14.26 -0.47
CA PRO A 195 -6.91 14.30 -0.40
C PRO A 195 -7.58 13.44 -1.47
N ILE A 196 -8.74 12.86 -1.13
CA ILE A 196 -9.49 12.05 -2.08
C ILE A 196 -10.15 13.02 -3.05
N VAL A 197 -10.25 12.64 -4.32
CA VAL A 197 -10.80 13.52 -5.34
C VAL A 197 -12.12 13.03 -5.91
N GLU A 198 -13.00 13.98 -6.26
CA GLU A 198 -14.32 13.70 -6.84
C GLU A 198 -14.22 12.87 -8.10
N ARG A 199 -15.07 11.84 -8.24
CA ARG A 199 -15.04 11.01 -9.44
C ARG A 199 -14.99 11.78 -10.75
N PRO A 200 -15.86 12.80 -10.92
CA PRO A 200 -15.91 13.60 -12.14
C PRO A 200 -14.52 14.10 -12.53
N VAL A 201 -13.86 14.71 -11.56
CA VAL A 201 -12.52 15.24 -11.75
C VAL A 201 -11.54 14.13 -12.12
N CYS A 202 -11.66 12.95 -11.49
CA CYS A 202 -10.77 11.83 -11.78
C CYS A 202 -10.98 11.40 -13.23
N LYS A 203 -12.25 11.33 -13.62
CA LYS A 203 -12.67 10.94 -14.96
C LYS A 203 -12.17 11.89 -16.05
N ASP A 204 -12.30 13.19 -15.79
CA ASP A 204 -11.87 14.24 -16.73
C ASP A 204 -10.38 14.50 -16.82
N SER A 205 -9.58 13.82 -16.02
CA SER A 205 -8.14 14.04 -16.04
C SER A 205 -7.41 13.02 -16.89
N THR A 206 -8.13 12.06 -17.45
CA THR A 206 -7.43 11.02 -18.21
C THR A 206 -8.30 10.51 -19.33
N ARG A 207 -7.73 9.72 -20.23
CA ARG A 207 -8.50 9.13 -21.33
C ARG A 207 -8.89 7.73 -20.97
N ILE A 208 -8.24 7.20 -19.93
CA ILE A 208 -8.51 5.83 -19.49
C ILE A 208 -9.90 5.66 -18.87
N ARG A 209 -10.55 4.53 -19.15
CA ARG A 209 -11.89 4.27 -18.60
C ARG A 209 -11.78 3.94 -17.12
N ILE A 210 -12.39 4.75 -16.27
CA ILE A 210 -12.35 4.52 -14.83
C ILE A 210 -13.59 3.75 -14.39
N THR A 211 -13.40 2.73 -13.55
CA THR A 211 -14.49 1.90 -13.06
C THR A 211 -14.86 2.20 -11.62
N ASP A 212 -15.88 1.53 -11.10
CA ASP A 212 -16.31 1.73 -9.72
C ASP A 212 -15.31 1.11 -8.74
N ASN A 213 -14.38 0.31 -9.26
CA ASN A 213 -13.38 -0.34 -8.43
C ASN A 213 -12.12 0.49 -8.25
N MET A 214 -12.20 1.80 -8.47
CA MET A 214 -11.03 2.67 -8.32
C MET A 214 -11.44 3.98 -7.74
N PHE A 215 -10.47 4.74 -7.26
CA PHE A 215 -10.70 6.09 -6.76
C PHE A 215 -9.38 6.82 -6.98
N CYS A 216 -9.42 8.14 -7.14
CA CYS A 216 -8.17 8.86 -7.36
C CYS A 216 -7.95 9.82 -6.22
N ALA A 217 -6.69 10.18 -6.00
CA ALA A 217 -6.31 11.09 -4.92
C ALA A 217 -5.18 12.01 -5.36
N GLY A 218 -5.08 13.16 -4.73
CA GLY A 218 -4.05 14.12 -5.07
C GLY A 218 -4.61 15.52 -5.00
N TYR A 219 -3.73 16.50 -4.93
CA TYR A 219 -4.15 17.89 -4.86
C TYR A 219 -4.46 18.45 -6.25
N LYS A 220 -5.39 19.39 -6.31
CA LYS A 220 -5.77 20.06 -7.56
C LYS A 220 -4.59 21.00 -7.80
N PRO A 221 -4.36 21.39 -9.07
CA PRO A 221 -3.24 22.28 -9.39
C PRO A 221 -3.30 23.61 -8.66
N ASP A 222 -4.49 24.06 -8.34
CA ASP A 222 -4.62 25.32 -7.63
C ASP A 222 -4.51 25.17 -6.13
N GLU A 223 -4.54 23.94 -5.64
CA GLU A 223 -4.45 23.69 -4.20
C GLU A 223 -3.13 24.03 -3.56
N GLY A 224 -2.12 24.32 -4.38
CA GLY A 224 -0.82 24.69 -3.87
C GLY A 224 0.03 23.52 -3.37
N LYS A 225 -0.52 22.76 -2.42
CA LYS A 225 0.17 21.60 -1.88
C LYS A 225 0.25 20.57 -2.97
N ARG A 226 1.23 19.68 -2.89
CA ARG A 226 1.39 18.63 -3.88
C ARG A 226 1.91 17.31 -3.32
N GLY A 227 2.12 16.32 -4.17
CA GLY A 227 2.59 15.03 -3.70
C GLY A 227 1.91 13.91 -4.47
N ASP A 228 2.50 12.72 -4.51
CA ASP A 228 1.92 11.61 -5.25
C ASP A 228 2.76 10.39 -5.02
N ALA A 229 2.24 9.24 -5.45
CA ALA A 229 2.95 7.99 -5.38
C ALA A 229 3.75 8.00 -6.68
N CYS A 230 4.55 6.97 -6.92
CA CYS A 230 5.36 6.91 -8.12
C CYS A 230 5.81 5.48 -8.29
N GLU A 231 6.57 5.22 -9.35
CA GLU A 231 7.07 3.86 -9.59
C GLU A 231 7.76 3.33 -8.34
N GLY A 232 7.56 2.04 -8.04
CA GLY A 232 8.15 1.44 -6.86
C GLY A 232 7.19 1.40 -5.68
N ASP A 233 6.22 2.32 -5.69
CA ASP A 233 5.20 2.43 -4.66
C ASP A 233 4.03 1.49 -4.83
N SER A 234 3.84 0.99 -6.06
CA SER A 234 2.75 0.07 -6.37
C SER A 234 2.47 -0.98 -5.31
N GLY A 235 1.21 -1.35 -5.12
CA GLY A 235 0.87 -2.38 -4.16
C GLY A 235 0.85 -1.90 -2.72
N GLY A 236 1.38 -0.71 -2.46
CA GLY A 236 1.37 -0.19 -1.12
C GLY A 236 -0.03 0.23 -0.67
N PRO A 237 -0.20 0.55 0.63
CA PRO A 237 -1.49 0.96 1.15
C PRO A 237 -1.78 2.44 1.24
N PHE A 238 -3.05 2.78 1.01
CA PHE A 238 -3.58 4.13 1.13
C PHE A 238 -4.45 3.88 2.38
N VAL A 239 -4.12 4.53 3.49
CA VAL A 239 -4.86 4.29 4.73
C VAL A 239 -5.48 5.56 5.26
N MET A 240 -6.44 5.38 6.16
CA MET A 240 -7.11 6.50 6.79
C MET A 240 -7.32 6.18 8.25
N LYS A 241 -7.25 7.18 9.11
CA LYS A 241 -7.49 6.94 10.53
C LYS A 241 -8.92 7.26 10.88
N SER A 242 -9.64 6.26 11.38
CA SER A 242 -11.02 6.48 11.79
C SER A 242 -11.15 7.37 13.02
N PRO A 243 -11.94 8.44 12.92
CA PRO A 243 -12.09 9.30 14.11
C PRO A 243 -13.12 8.71 15.07
N PHE A 244 -13.69 7.56 14.73
CA PHE A 244 -14.69 6.89 15.56
C PHE A 244 -14.07 5.95 16.57
N ASN A 245 -13.14 5.10 16.11
CA ASN A 245 -12.50 4.15 17.02
C ASN A 245 -10.98 4.26 17.08
N ASN A 246 -10.42 5.26 16.39
CA ASN A 246 -8.97 5.48 16.37
C ASN A 246 -8.05 4.45 15.70
N ARG A 247 -8.61 3.59 14.88
CA ARG A 247 -7.83 2.58 14.20
C ARG A 247 -7.53 3.05 12.80
N TRP A 248 -6.57 2.39 12.17
CA TRP A 248 -6.17 2.70 10.81
C TRP A 248 -6.77 1.67 9.90
N TYR A 249 -7.40 2.12 8.83
CA TYR A 249 -8.02 1.21 7.89
C TYR A 249 -7.41 1.42 6.51
N GLN A 250 -7.18 0.35 5.77
CA GLN A 250 -6.65 0.49 4.41
C GLN A 250 -7.83 0.65 3.44
N MET A 251 -7.93 1.81 2.80
CA MET A 251 -9.04 2.04 1.88
C MET A 251 -8.65 1.76 0.44
N GLY A 252 -7.37 1.88 0.12
CA GLY A 252 -6.94 1.64 -1.25
C GLY A 252 -5.58 1.00 -1.40
N ILE A 253 -5.27 0.57 -2.62
CA ILE A 253 -3.98 -0.03 -2.96
C ILE A 253 -3.42 0.83 -4.08
N VAL A 254 -2.19 1.31 -3.94
CA VAL A 254 -1.54 2.13 -4.97
C VAL A 254 -1.63 1.32 -6.25
N SER A 255 -2.23 1.89 -7.29
CA SER A 255 -2.40 1.15 -8.53
C SER A 255 -1.72 1.68 -9.77
N TRP A 256 -2.17 2.83 -10.28
CA TRP A 256 -1.62 3.35 -11.51
C TRP A 256 -1.69 4.84 -11.64
N GLY A 257 -0.85 5.36 -12.52
CA GLY A 257 -0.81 6.78 -12.77
C GLY A 257 -0.12 6.98 -14.09
N GLU A 258 -0.24 8.19 -14.61
CA GLU A 258 0.38 8.59 -15.88
C GLU A 258 1.33 9.67 -15.43
N GLY A 259 2.55 9.26 -15.07
CA GLY A 259 3.53 10.23 -14.57
C GLY A 259 3.43 10.27 -13.04
N CYS A 260 4.20 11.14 -12.41
CA CYS A 260 4.21 11.25 -10.95
C CYS A 260 4.17 12.70 -10.58
N ASP A 261 3.18 13.07 -9.81
CA ASP A 261 3.03 14.44 -9.35
C ASP A 261 2.84 15.47 -10.47
N ARG A 262 2.26 15.02 -11.59
CA ARG A 262 1.97 15.87 -12.73
C ARG A 262 0.78 16.74 -12.36
N ASP A 263 0.86 18.05 -12.64
CA ASP A 263 -0.28 18.93 -12.36
C ASP A 263 -1.45 18.51 -13.24
N GLY A 264 -2.66 18.54 -12.68
CA GLY A 264 -3.82 18.13 -13.44
C GLY A 264 -3.97 16.63 -13.54
N LYS A 265 -3.04 15.88 -12.96
CA LYS A 265 -3.10 14.41 -12.97
C LYS A 265 -3.23 13.90 -11.54
N TYR A 266 -3.68 12.65 -11.37
CA TYR A 266 -3.89 12.06 -10.04
C TYR A 266 -3.57 10.59 -10.05
N GLY A 267 -3.17 10.07 -8.90
CA GLY A 267 -2.88 8.66 -8.82
C GLY A 267 -4.19 7.92 -8.61
N PHE A 268 -4.26 6.70 -9.11
CA PHE A 268 -5.46 5.87 -8.97
C PHE A 268 -5.18 4.71 -8.06
N TYR A 269 -6.22 4.34 -7.30
CA TYR A 269 -6.09 3.30 -6.30
C TYR A 269 -7.20 2.28 -6.39
N THR A 270 -6.87 1.03 -6.06
CA THR A 270 -7.86 -0.03 -6.01
C THR A 270 -8.78 0.20 -4.81
N HIS A 271 -10.08 0.17 -5.06
CA HIS A 271 -11.09 0.37 -4.01
C HIS A 271 -11.21 -0.94 -3.25
N VAL A 272 -10.53 -1.03 -2.12
CA VAL A 272 -10.51 -2.24 -1.32
C VAL A 272 -11.89 -2.71 -0.86
N PHE A 273 -12.69 -1.81 -0.31
CA PHE A 273 -14.02 -2.21 0.12
C PHE A 273 -14.84 -2.90 -0.97
N ARG A 274 -14.86 -2.32 -2.16
CA ARG A 274 -15.62 -2.89 -3.29
C ARG A 274 -15.22 -4.31 -3.56
N LEU A 275 -14.01 -4.69 -3.16
CA LEU A 275 -13.54 -6.04 -3.42
C LEU A 275 -13.42 -6.92 -2.19
N LYS A 276 -13.91 -6.45 -1.06
CA LYS A 276 -13.81 -7.23 0.17
C LYS A 276 -14.45 -8.60 0.12
N LYS A 277 -15.47 -8.77 -0.70
CA LYS A 277 -16.15 -10.08 -0.79
C LYS A 277 -15.20 -11.12 -1.37
N TRP A 278 -14.38 -10.70 -2.32
CA TRP A 278 -13.44 -11.62 -2.92
C TRP A 278 -12.38 -11.93 -1.87
N ILE A 279 -11.97 -10.91 -1.12
CA ILE A 279 -10.95 -11.03 -0.07
C ILE A 279 -11.40 -11.99 1.01
N GLN A 280 -12.64 -11.82 1.48
CA GLN A 280 -13.21 -12.70 2.50
C GLN A 280 -13.22 -14.11 1.96
N LYS A 281 -13.85 -14.27 0.81
CA LYS A 281 -13.97 -15.54 0.12
C LYS A 281 -12.65 -16.29 0.15
N VAL A 282 -11.59 -15.68 -0.37
CA VAL A 282 -10.29 -16.33 -0.40
C VAL A 282 -9.77 -16.71 0.96
N ILE A 283 -9.63 -15.73 1.83
CA ILE A 283 -9.10 -15.97 3.16
C ILE A 283 -9.76 -17.11 3.92
N ASP A 284 -11.08 -17.17 3.92
CA ASP A 284 -11.74 -18.23 4.65
C ASP A 284 -11.77 -19.56 3.91
N GLN A 285 -11.73 -19.51 2.60
CA GLN A 285 -11.73 -20.73 1.79
C GLN A 285 -10.36 -21.39 1.81
N PHE A 286 -9.31 -20.58 2.00
CA PHE A 286 -7.95 -21.11 1.99
C PHE A 286 -7.17 -20.88 3.27
N GLY A 287 -7.88 -20.57 4.36
CA GLY A 287 -7.22 -20.35 5.64
C GLY A 287 -6.75 -18.91 5.84
N ASP B 1 21.51 -1.25 -4.99
CA ASP B 1 22.31 -0.91 -3.77
C ASP B 1 21.79 -1.63 -2.55
N PHE B 2 21.19 -2.79 -2.77
CA PHE B 2 20.64 -3.55 -1.66
C PHE B 2 21.70 -4.35 -0.94
N GLU B 3 21.66 -4.28 0.38
CA GLU B 3 22.59 -4.99 1.23
C GLU B 3 22.23 -6.46 1.18
N GLU B 4 23.24 -7.30 1.19
CA GLU B 4 23.07 -8.75 1.12
C GLU B 4 22.21 -9.29 2.25
N ILE B 5 21.15 -10.01 1.93
CA ILE B 5 20.30 -10.58 2.98
C ILE B 5 20.81 -11.97 3.25
N PRO B 6 20.50 -12.53 4.43
CA PRO B 6 20.95 -13.88 4.78
C PRO B 6 20.47 -14.97 3.82
N GLU B 7 21.42 -15.79 3.36
CA GLU B 7 21.15 -16.89 2.45
C GLU B 7 20.10 -17.85 2.97
N ALA B 8 19.94 -17.91 4.28
CA ALA B 8 18.95 -18.80 4.89
C ALA B 8 17.55 -18.59 4.33
N TYS B 9 17.30 -17.37 3.86
CA TYS B 9 15.99 -17.00 3.29
CB TYS B 9 15.70 -15.52 3.57
CG TYS B 9 15.65 -15.19 5.05
CD1 TYS B 9 14.63 -15.71 5.82
CD2 TYS B 9 16.59 -14.33 5.59
CE1 TYS B 9 14.54 -15.37 7.17
CE2 TYS B 9 16.51 -14.00 6.93
CZ TYS B 9 15.47 -14.53 7.70
OH TYS B 9 15.35 -14.22 8.92
S TYS B 9 14.72 -12.99 9.37
O1 TYS B 9 13.32 -13.24 9.24
O2 TYS B 9 15.09 -11.83 8.63
O3 TYS B 9 14.99 -12.74 10.75
C TYS B 9 15.93 -17.22 1.80
O TYS B 9 14.85 -17.30 1.21
N LEU B 10 17.10 -17.18 1.18
CA LEU B 10 17.24 -17.36 -0.26
C LEU B 10 17.05 -18.79 -0.69
N ALA B 11 17.28 -19.71 0.25
CA ALA B 11 17.17 -21.15 0.00
C ALA B 11 15.75 -21.64 -0.32
C1 T76 C . 1.87 4.17 -10.04
C2 T76 C . 2.27 5.30 -10.70
C3 T76 C . 1.77 6.59 -10.33
C4 T76 C . 0.79 6.68 -9.34
C5 T76 C . 0.30 5.52 -8.75
C6 T76 C . 0.85 4.25 -9.07
C7 T76 C . 2.57 2.85 -10.30
N8 T76 C . 1.80 1.96 -11.19
C9 T76 C . 2.25 1.76 -12.47
C10 T76 C . 1.44 0.76 -13.27
O11 T76 C . 3.17 2.37 -13.00
O12 T76 C . 3.14 5.16 -11.79
C18 T76 C . 2.29 -0.48 -13.59
C19 T76 C . 1.69 -1.03 -14.88
C20 T76 C . 1.47 0.27 -15.66
N21 T76 C . 1.19 1.26 -14.63
C29 T76 C . 0.73 2.51 -14.83
C30 T76 C . 0.57 2.92 -16.28
N31 T76 C . 1.37 4.13 -16.53
C32 T76 C . 2.66 3.92 -16.87
O33 T76 C . 3.12 2.82 -17.24
C34 T76 C . 3.56 5.14 -16.68
C35 T76 C . 4.55 4.83 -15.54
N38 T76 C . 3.93 4.99 -14.21
C41 T76 C . 4.00 6.25 -13.71
O42 T76 C . 4.55 7.20 -14.29
C43 T76 C . 3.35 6.43 -12.37
O44 T76 C . 0.57 3.34 -13.92
C45 T76 C . -0.92 3.15 -16.57
C47 T76 C . -1.16 3.83 -17.92
C48 T76 C . -2.66 4.03 -18.18
C49 T76 C . -3.38 2.67 -18.12
C50 T76 C . -3.16 2.01 -16.76
C51 T76 C . -1.67 1.82 -16.49
CL68 T76 C . -1.05 5.64 -7.65
#